data_3AQA
#
_entry.id   3AQA
#
_cell.length_a   114.597
_cell.length_b   55.716
_cell.length_c   68.205
_cell.angle_alpha   90.00
_cell.angle_beta   94.17
_cell.angle_gamma   90.00
#
_symmetry.space_group_name_H-M   'C 1 2 1'
#
loop_
_entity.id
_entity.type
_entity.pdbx_description
1 polymer 'Bromodomain-containing protein 2'
2 non-polymer 1-[2-(1H-benzimidazol-2-ylsulfanyl)ethyl]-3-methyl-1,3-dihydro-2H-benzimidazole-2-thione
3 non-polymer '2-(N-MORPHOLINO)-ETHANESULFONIC ACID'
4 water water
#
_entity_poly.entity_id   1
_entity_poly.type   'polypeptide(L)'
_entity_poly.pdbx_seq_one_letter_code
;GSSGSSGRVTNQLQYLHKVV(MSE)KALWKHQFAWPFRQPVDAVKLGLPDYHKIIKQP(MSE)D(MSE)GTIKRRLENNY
YWAASEC(MSE)QDFNT(MSE)FTNCYIYNKPTDDIVL(MSE)AQTLEKIFLQKVAS(MSE)PQEEQELVVTIPKN
;
_entity_poly.pdbx_strand_id   A,B,C
#
loop_
_chem_comp.id
_chem_comp.type
_chem_comp.name
_chem_comp.formula
BYH non-polymer 1-[2-(1H-benzimidazol-2-ylsulfanyl)ethyl]-3-methyl-1,3-dihydro-2H-benzimidazole-2-thione 'C17 H16 N4 S2'
MES non-polymer '2-(N-MORPHOLINO)-ETHANESULFONIC ACID' 'C6 H13 N O4 S'
#
# COMPACT_ATOMS: atom_id res chain seq x y z
N GLY A 7 -11.01 17.98 -8.09
CA GLY A 7 -10.40 19.35 -8.02
C GLY A 7 -9.68 19.58 -6.71
N ARG A 8 -8.35 19.69 -6.74
CA ARG A 8 -7.60 19.88 -5.51
C ARG A 8 -6.09 19.82 -5.76
N VAL A 9 -5.34 20.49 -4.90
CA VAL A 9 -3.88 20.49 -4.95
C VAL A 9 -3.43 20.05 -3.56
N THR A 10 -2.56 19.04 -3.50
CA THR A 10 -2.06 18.57 -2.22
C THR A 10 -0.55 18.45 -2.33
N ASN A 11 0.13 18.24 -1.21
CA ASN A 11 1.58 18.10 -1.26
C ASN A 11 1.98 16.81 -2.04
N GLN A 12 1.15 15.77 -1.95
CA GLN A 12 1.46 14.54 -2.65
C GLN A 12 1.28 14.73 -4.16
N LEU A 13 0.13 15.29 -4.57
CA LEU A 13 -0.11 15.51 -5.98
C LEU A 13 0.98 16.39 -6.61
N GLN A 14 1.50 17.33 -5.83
CA GLN A 14 2.55 18.22 -6.30
C GLN A 14 3.83 17.42 -6.46
N TYR A 15 4.07 16.51 -5.52
CA TYR A 15 5.27 15.66 -5.59
C TYR A 15 5.16 14.73 -6.83
N LEU A 16 3.96 14.23 -7.12
CA LEU A 16 3.76 13.36 -8.28
C LEU A 16 3.97 14.12 -9.59
N HIS A 17 3.54 15.37 -9.61
CA HIS A 17 3.67 16.19 -10.80
C HIS A 17 5.10 16.72 -11.03
N LYS A 18 5.62 17.46 -10.07
CA LYS A 18 6.94 18.08 -10.18
C LYS A 18 8.16 17.21 -9.95
N VAL A 19 8.03 16.17 -9.13
CA VAL A 19 9.16 15.26 -8.90
C VAL A 19 9.05 13.98 -9.78
N VAL A 20 8.14 13.08 -9.45
CA VAL A 20 7.94 11.82 -10.19
C VAL A 20 7.72 11.95 -11.70
N MSE A 21 6.66 12.64 -12.11
CA MSE A 21 6.37 12.79 -13.55
C MSE A 21 7.44 13.53 -14.31
O MSE A 21 7.66 13.27 -15.49
CB MSE A 21 5.03 13.50 -13.78
CG MSE A 21 4.69 13.69 -15.27
SE MSE A 21 4.52 12.00 -16.27
CE MSE A 21 2.69 11.64 -15.76
N LYS A 22 8.10 14.49 -13.65
CA LYS A 22 9.15 15.27 -14.29
C LYS A 22 10.29 14.36 -14.73
N ALA A 23 10.66 13.43 -13.85
CA ALA A 23 11.74 12.50 -14.12
C ALA A 23 11.34 11.45 -15.15
N LEU A 24 10.14 10.93 -15.04
CA LEU A 24 9.68 9.91 -15.99
C LEU A 24 9.56 10.45 -17.41
N TRP A 25 9.07 11.69 -17.50
CA TRP A 25 8.81 12.36 -18.78
C TRP A 25 10.00 12.52 -19.72
N LYS A 26 11.16 12.88 -19.19
CA LYS A 26 12.34 13.05 -20.05
C LYS A 26 13.24 11.83 -20.13
N HIS A 27 12.84 10.79 -19.42
CA HIS A 27 13.60 9.54 -19.41
C HIS A 27 13.76 9.08 -20.86
N GLN A 28 14.88 8.44 -21.17
CA GLN A 28 15.11 8.00 -22.53
C GLN A 28 14.10 7.00 -23.09
N PHE A 29 13.38 6.29 -22.23
CA PHE A 29 12.39 5.35 -22.76
C PHE A 29 10.98 5.93 -22.65
N ALA A 30 10.83 7.19 -22.28
CA ALA A 30 9.49 7.76 -22.14
C ALA A 30 8.71 8.08 -23.40
N TRP A 31 9.40 8.45 -24.47
CA TRP A 31 8.71 8.84 -25.69
C TRP A 31 7.48 8.08 -26.17
N PRO A 32 7.45 6.73 -26.04
CA PRO A 32 6.22 6.09 -26.54
C PRO A 32 5.03 6.35 -25.61
N PHE A 33 5.32 6.82 -24.40
CA PHE A 33 4.28 7.06 -23.42
C PHE A 33 3.79 8.49 -23.21
N ARG A 34 4.42 9.46 -23.86
CA ARG A 34 4.03 10.85 -23.71
C ARG A 34 2.71 11.25 -24.35
N GLN A 35 2.14 10.39 -25.19
CA GLN A 35 0.86 10.73 -25.80
C GLN A 35 0.08 9.44 -25.97
N PRO A 36 -1.24 9.56 -26.17
CA PRO A 36 -2.09 8.38 -26.34
C PRO A 36 -1.54 7.43 -27.39
N VAL A 37 -1.86 6.15 -27.24
CA VAL A 37 -1.44 5.17 -28.22
C VAL A 37 -2.30 5.46 -29.46
N ASP A 38 -1.67 5.46 -30.63
CA ASP A 38 -2.39 5.72 -31.88
C ASP A 38 -2.52 4.37 -32.55
N ALA A 39 -3.67 3.72 -32.40
CA ALA A 39 -3.89 2.40 -32.99
C ALA A 39 -3.68 2.42 -34.49
N VAL A 40 -4.19 3.47 -35.13
CA VAL A 40 -4.08 3.65 -36.58
C VAL A 40 -2.61 3.80 -37.02
N LYS A 41 -1.95 4.83 -36.51
CA LYS A 41 -0.57 5.12 -36.87
C LYS A 41 0.40 3.97 -36.63
N LEU A 42 0.23 3.27 -35.51
CA LEU A 42 1.13 2.18 -35.16
C LEU A 42 0.70 0.83 -35.70
N GLY A 43 -0.45 0.79 -36.36
CA GLY A 43 -0.93 -0.45 -36.95
C GLY A 43 -1.41 -1.56 -36.05
N LEU A 44 -2.12 -1.22 -34.98
CA LEU A 44 -2.66 -2.24 -34.07
C LEU A 44 -4.18 -2.02 -34.06
N PRO A 45 -4.88 -2.51 -35.10
CA PRO A 45 -6.34 -2.36 -35.21
C PRO A 45 -7.14 -3.07 -34.13
N ASP A 46 -6.46 -3.85 -33.30
CA ASP A 46 -7.13 -4.58 -32.24
C ASP A 46 -6.80 -4.01 -30.85
N TYR A 47 -6.01 -2.93 -30.82
CA TYR A 47 -5.62 -2.34 -29.56
C TYR A 47 -6.79 -1.98 -28.65
N HIS A 48 -7.72 -1.19 -29.16
CA HIS A 48 -8.88 -0.75 -28.41
C HIS A 48 -9.93 -1.83 -28.13
N LYS A 49 -9.73 -3.04 -28.66
CA LYS A 49 -10.64 -4.16 -28.42
C LYS A 49 -10.14 -4.88 -27.17
N ILE A 50 -8.85 -4.72 -26.89
CA ILE A 50 -8.24 -5.36 -25.74
C ILE A 50 -8.00 -4.41 -24.58
N ILE A 51 -7.61 -3.19 -24.90
CA ILE A 51 -7.33 -2.19 -23.88
C ILE A 51 -8.54 -1.28 -23.81
N LYS A 52 -9.33 -1.44 -22.77
CA LYS A 52 -10.54 -0.65 -22.61
C LYS A 52 -10.33 0.71 -21.94
N GLN A 53 -9.23 0.85 -21.22
CA GLN A 53 -8.96 2.11 -20.57
C GLN A 53 -7.55 2.58 -20.90
N PRO A 54 -7.40 3.21 -22.08
CA PRO A 54 -6.10 3.73 -22.55
C PRO A 54 -5.62 4.80 -21.55
N MSE A 55 -4.31 4.95 -21.40
CA MSE A 55 -3.78 5.95 -20.49
C MSE A 55 -2.35 6.24 -20.97
O MSE A 55 -1.70 5.39 -21.59
CB MSE A 55 -3.82 5.41 -19.05
CG MSE A 55 -3.51 6.41 -17.92
SE MSE A 55 -4.37 8.16 -18.12
CE MSE A 55 -6.22 7.61 -18.06
N ASP A 56 -1.89 7.46 -20.74
CA ASP A 56 -0.58 7.88 -21.19
C ASP A 56 -0.12 9.01 -20.30
N MSE A 57 1.17 9.32 -20.36
CA MSE A 57 1.70 10.39 -19.53
C MSE A 57 1.15 11.79 -19.83
O MSE A 57 1.07 12.61 -18.92
CB MSE A 57 3.22 10.42 -19.60
CG MSE A 57 3.90 9.22 -18.96
SE MSE A 57 5.83 9.49 -19.14
CE MSE A 57 5.93 9.73 -20.98
N GLY A 58 0.80 12.06 -21.09
CA GLY A 58 0.27 13.36 -21.46
C GLY A 58 -1.02 13.65 -20.68
N THR A 59 -1.94 12.70 -20.76
CA THR A 59 -3.21 12.79 -20.06
C THR A 59 -2.97 12.94 -18.55
N ILE A 60 -2.01 12.20 -17.98
CA ILE A 60 -1.75 12.28 -16.53
C ILE A 60 -1.23 13.64 -16.16
N LYS A 61 -0.30 14.15 -16.96
CA LYS A 61 0.31 15.45 -16.73
C LYS A 61 -0.78 16.53 -16.81
N ARG A 62 -1.55 16.51 -17.89
CA ARG A 62 -2.61 17.48 -18.07
C ARG A 62 -3.55 17.45 -16.85
N ARG A 63 -3.92 16.26 -16.41
CA ARG A 63 -4.80 16.14 -15.24
C ARG A 63 -4.19 16.73 -13.96
N LEU A 64 -2.87 16.64 -13.80
CA LEU A 64 -2.23 17.22 -12.62
C LEU A 64 -2.17 18.77 -12.78
N GLU A 65 -2.11 19.25 -14.02
CA GLU A 65 -2.05 20.69 -14.26
C GLU A 65 -3.42 21.32 -14.14
N ASN A 66 -4.49 20.52 -14.16
CA ASN A 66 -5.82 21.11 -14.03
C ASN A 66 -6.53 20.77 -12.72
N ASN A 67 -5.80 20.22 -11.76
CA ASN A 67 -6.40 19.85 -10.49
C ASN A 67 -7.51 18.83 -10.67
N TYR A 68 -7.35 17.93 -11.62
CA TYR A 68 -8.35 16.90 -11.88
C TYR A 68 -8.42 15.90 -10.75
N TYR A 69 -7.28 15.56 -10.17
CA TYR A 69 -7.22 14.57 -9.10
C TYR A 69 -7.58 15.13 -7.73
N TRP A 70 -8.25 14.31 -6.93
CA TRP A 70 -8.63 14.70 -5.59
C TRP A 70 -7.55 14.21 -4.62
N ALA A 71 -7.03 13.02 -4.90
CA ALA A 71 -5.99 12.41 -4.06
C ALA A 71 -4.90 11.80 -4.91
N ALA A 72 -3.70 11.72 -4.36
CA ALA A 72 -2.56 11.16 -5.09
C ALA A 72 -2.81 9.72 -5.54
N SER A 73 -3.51 8.95 -4.73
CA SER A 73 -3.78 7.57 -5.08
C SER A 73 -4.50 7.46 -6.42
N GLU A 74 -5.43 8.39 -6.71
CA GLU A 74 -6.13 8.32 -8.00
C GLU A 74 -5.16 8.52 -9.17
N CYS A 75 -4.13 9.32 -8.94
CA CYS A 75 -3.12 9.59 -9.96
C CYS A 75 -2.19 8.38 -10.12
N MSE A 76 -1.80 7.79 -9.00
CA MSE A 76 -0.92 6.62 -9.05
C MSE A 76 -1.61 5.50 -9.82
O MSE A 76 -0.97 4.74 -10.56
CB MSE A 76 -0.59 6.15 -7.63
CG MSE A 76 0.36 7.10 -6.91
SE MSE A 76 0.44 6.83 -5.01
CE MSE A 76 0.67 4.90 -4.98
N GLN A 77 -2.93 5.43 -9.67
CA GLN A 77 -3.75 4.41 -10.32
C GLN A 77 -3.69 4.58 -11.85
N ASP A 78 -3.66 5.83 -12.29
CA ASP A 78 -3.58 6.11 -13.73
C ASP A 78 -2.20 5.66 -14.24
N PHE A 79 -1.12 5.96 -13.52
CA PHE A 79 0.20 5.49 -13.93
C PHE A 79 0.15 3.95 -14.04
N ASN A 80 -0.36 3.30 -13.01
CA ASN A 80 -0.44 1.83 -13.01
C ASN A 80 -1.20 1.32 -14.25
N THR A 81 -2.33 1.94 -14.58
CA THR A 81 -3.11 1.50 -15.74
C THR A 81 -2.31 1.63 -17.05
N MSE A 82 -1.61 2.74 -17.20
CA MSE A 82 -0.80 2.94 -18.38
C MSE A 82 0.22 1.77 -18.46
O MSE A 82 0.36 1.13 -19.49
CB MSE A 82 -0.07 4.28 -18.29
CG MSE A 82 1.07 4.46 -19.32
SE MSE A 82 1.88 6.18 -19.07
CE MSE A 82 3.15 5.70 -17.72
N PHE A 83 0.93 1.52 -17.37
CA PHE A 83 1.92 0.44 -17.40
C PHE A 83 1.24 -0.91 -17.66
N THR A 84 0.17 -1.17 -16.91
CA THR A 84 -0.53 -2.43 -17.08
C THR A 84 -1.04 -2.67 -18.49
N ASN A 85 -1.58 -1.62 -19.13
CA ASN A 85 -2.06 -1.75 -20.51
C ASN A 85 -0.99 -2.31 -21.42
N CYS A 86 0.23 -1.85 -21.21
CA CYS A 86 1.36 -2.25 -22.01
C CYS A 86 1.72 -3.73 -21.80
N TYR A 87 1.72 -4.18 -20.55
CA TYR A 87 2.07 -5.59 -20.28
C TYR A 87 0.97 -6.51 -20.81
N ILE A 88 -0.29 -6.09 -20.67
CA ILE A 88 -1.42 -6.89 -21.13
C ILE A 88 -1.47 -7.05 -22.68
N TYR A 89 -1.41 -5.93 -23.39
CA TYR A 89 -1.51 -5.94 -24.85
C TYR A 89 -0.34 -6.48 -25.68
N ASN A 90 0.88 -6.09 -25.32
CA ASN A 90 2.05 -6.50 -26.11
C ASN A 90 2.58 -7.91 -25.87
N LYS A 91 3.35 -8.41 -26.82
CA LYS A 91 3.96 -9.74 -26.67
C LYS A 91 5.02 -9.57 -25.58
N PRO A 92 5.28 -10.63 -24.81
CA PRO A 92 6.28 -10.61 -23.72
C PRO A 92 7.67 -10.16 -24.15
N THR A 93 8.02 -10.45 -25.40
CA THR A 93 9.34 -10.11 -25.91
C THR A 93 9.54 -8.69 -26.46
N ASP A 94 8.45 -7.96 -26.69
CA ASP A 94 8.55 -6.60 -27.25
C ASP A 94 9.40 -5.66 -26.41
N ASP A 95 10.15 -4.80 -27.08
CA ASP A 95 11.00 -3.84 -26.37
C ASP A 95 10.16 -2.94 -25.45
N ILE A 96 8.96 -2.58 -25.93
CA ILE A 96 8.06 -1.70 -25.18
C ILE A 96 7.78 -2.23 -23.74
N VAL A 97 7.68 -3.55 -23.57
CA VAL A 97 7.45 -4.13 -22.26
C VAL A 97 8.61 -3.80 -21.33
N LEU A 98 9.83 -3.94 -21.86
CA LEU A 98 11.07 -3.64 -21.14
C LEU A 98 11.14 -2.15 -20.80
N MSE A 99 10.70 -1.32 -21.72
CA MSE A 99 10.71 0.12 -21.49
C MSE A 99 9.72 0.49 -20.37
O MSE A 99 10.05 1.28 -19.47
CB MSE A 99 10.41 0.82 -22.81
CG MSE A 99 11.50 0.55 -23.87
SE MSE A 99 11.01 1.14 -25.67
CE MSE A 99 11.04 3.01 -25.33
N ALA A 100 8.54 -0.12 -20.38
CA ALA A 100 7.55 0.13 -19.33
C ALA A 100 8.01 -0.39 -17.97
N GLN A 101 8.64 -1.57 -17.93
CA GLN A 101 9.11 -2.09 -16.63
C GLN A 101 10.18 -1.14 -16.07
N THR A 102 11.05 -0.63 -16.94
CA THR A 102 12.11 0.29 -16.50
C THR A 102 11.46 1.57 -15.98
N LEU A 103 10.47 2.09 -16.68
CA LEU A 103 9.83 3.32 -16.22
C LEU A 103 9.03 3.09 -14.94
N GLU A 104 8.40 1.93 -14.83
CA GLU A 104 7.59 1.65 -13.66
C GLU A 104 8.45 1.51 -12.40
N LYS A 105 9.67 0.98 -12.52
CA LYS A 105 10.54 0.87 -11.35
C LYS A 105 10.89 2.28 -10.84
N ILE A 106 11.15 3.23 -11.72
CA ILE A 106 11.43 4.60 -11.27
C ILE A 106 10.20 5.06 -10.48
N PHE A 107 9.03 4.92 -11.11
CA PHE A 107 7.74 5.30 -10.54
C PHE A 107 7.57 4.77 -9.13
N LEU A 108 7.73 3.46 -8.97
CA LEU A 108 7.58 2.85 -7.65
C LEU A 108 8.61 3.39 -6.66
N GLN A 109 9.86 3.54 -7.12
CA GLN A 109 10.92 4.07 -6.29
C GLN A 109 10.59 5.48 -5.82
N LYS A 110 10.08 6.33 -6.69
CA LYS A 110 9.76 7.70 -6.28
C LYS A 110 8.56 7.73 -5.34
N VAL A 111 7.58 6.87 -5.58
CA VAL A 111 6.40 6.82 -4.73
C VAL A 111 6.78 6.42 -3.31
N ALA A 112 7.78 5.55 -3.17
CA ALA A 112 8.20 5.12 -1.85
C ALA A 112 8.72 6.28 -1.00
N SER A 113 9.13 7.36 -1.66
CA SER A 113 9.66 8.53 -0.96
C SER A 113 8.65 9.68 -0.91
N MSE A 114 7.46 9.43 -1.45
CA MSE A 114 6.45 10.46 -1.44
C MSE A 114 6.23 10.90 -0.01
O MSE A 114 6.01 10.08 0.88
CB MSE A 114 5.15 9.92 -2.04
CG MSE A 114 4.11 10.98 -2.25
SE MSE A 114 2.71 10.37 -3.37
CE MSE A 114 2.17 8.84 -2.31
N PRO A 115 6.29 12.21 0.23
CA PRO A 115 6.10 12.78 1.57
C PRO A 115 4.72 12.41 2.08
N GLN A 116 4.62 12.04 3.35
CA GLN A 116 3.34 11.70 3.92
C GLN A 116 2.84 12.78 4.84
N GLU A 117 2.04 13.67 4.26
CA GLU A 117 1.45 14.78 4.99
C GLU A 117 0.10 15.04 4.33
N GLU A 118 -0.14 14.36 3.19
CA GLU A 118 -1.38 14.50 2.42
C GLU A 118 -2.07 15.83 2.78
N GLN A 119 -1.31 16.91 2.69
CA GLN A 119 -1.79 18.24 3.03
C GLN A 119 -2.53 18.96 1.91
N GLU A 120 -3.37 19.92 2.31
CA GLU A 120 -4.18 20.72 1.39
C GLU A 120 -5.32 19.92 0.76
N GLY B 7 17.11 -6.83 15.81
CA GLY B 7 16.66 -6.26 14.49
C GLY B 7 15.53 -5.27 14.64
N ARG B 8 15.81 -3.99 14.38
CA ARG B 8 14.82 -2.92 14.49
C ARG B 8 13.68 -3.00 13.45
N VAL B 9 14.04 -3.13 12.17
CA VAL B 9 13.04 -3.21 11.09
C VAL B 9 12.48 -1.81 10.84
N THR B 10 12.58 -1.32 9.60
CA THR B 10 12.09 0.02 9.27
C THR B 10 10.57 0.16 9.34
N ASN B 11 10.09 1.38 9.49
CA ASN B 11 8.64 1.57 9.57
C ASN B 11 7.98 1.28 8.21
N GLN B 12 8.76 1.43 7.13
CA GLN B 12 8.23 1.17 5.79
C GLN B 12 8.01 -0.31 5.64
N LEU B 13 9.00 -1.11 6.02
CA LEU B 13 8.86 -2.54 5.94
C LEU B 13 7.78 -3.06 6.91
N GLN B 14 7.65 -2.43 8.08
CA GLN B 14 6.65 -2.82 9.06
C GLN B 14 5.27 -2.55 8.45
N TYR B 15 5.18 -1.42 7.73
CA TYR B 15 3.94 -1.01 7.08
C TYR B 15 3.52 -1.97 5.95
N LEU B 16 4.49 -2.40 5.14
CA LEU B 16 4.19 -3.31 4.03
C LEU B 16 3.78 -4.66 4.58
N HIS B 17 4.29 -4.99 5.75
CA HIS B 17 3.96 -6.27 6.35
C HIS B 17 2.61 -6.24 7.06
N LYS B 18 2.44 -5.31 7.99
CA LYS B 18 1.24 -5.22 8.78
C LYS B 18 0.03 -4.59 8.09
N VAL B 19 0.25 -3.87 7.00
CA VAL B 19 -0.87 -3.22 6.34
C VAL B 19 -1.10 -3.66 4.89
N VAL B 20 -0.02 -3.78 4.12
CA VAL B 20 -0.16 -4.17 2.72
C VAL B 20 -0.34 -5.67 2.58
N MSE B 21 0.61 -6.43 3.09
CA MSE B 21 0.54 -7.87 3.00
C MSE B 21 -0.67 -8.43 3.77
O MSE B 21 -1.31 -9.38 3.34
CB MSE B 21 1.84 -8.51 3.48
CG MSE B 21 1.88 -10.04 3.29
SE MSE B 21 1.32 -10.60 1.49
CE MSE B 21 3.07 -10.78 0.71
N LYS B 22 -0.97 -7.85 4.92
CA LYS B 22 -2.10 -8.33 5.69
C LYS B 22 -3.39 -8.20 4.87
N ALA B 23 -3.56 -7.08 4.19
CA ALA B 23 -4.76 -6.87 3.39
C ALA B 23 -4.78 -7.79 2.17
N LEU B 24 -3.64 -7.99 1.51
CA LEU B 24 -3.59 -8.81 0.32
C LEU B 24 -3.63 -10.32 0.55
N TRP B 25 -2.90 -10.80 1.56
CA TRP B 25 -2.82 -12.23 1.85
C TRP B 25 -4.18 -12.87 2.10
N LYS B 26 -5.10 -12.12 2.69
CA LYS B 26 -6.42 -12.64 3.01
C LYS B 26 -7.50 -12.26 2.00
N HIS B 27 -7.14 -11.51 0.97
CA HIS B 27 -8.14 -11.10 -0.02
C HIS B 27 -8.70 -12.32 -0.70
N GLN B 28 -9.98 -12.26 -1.09
CA GLN B 28 -10.62 -13.40 -1.74
C GLN B 28 -10.05 -13.73 -3.14
N PHE B 29 -9.34 -12.80 -3.75
CA PHE B 29 -8.75 -13.09 -5.07
C PHE B 29 -7.27 -13.50 -4.92
N ALA B 30 -6.79 -13.55 -3.68
CA ALA B 30 -5.40 -13.86 -3.41
C ALA B 30 -4.91 -15.29 -3.59
N TRP B 31 -5.77 -16.29 -3.52
CA TRP B 31 -5.27 -17.65 -3.56
C TRP B 31 -4.34 -18.04 -4.73
N PRO B 32 -4.56 -17.50 -5.94
CA PRO B 32 -3.64 -17.89 -7.04
C PRO B 32 -2.22 -17.35 -6.86
N PHE B 33 -2.04 -16.39 -5.95
CA PHE B 33 -0.72 -15.79 -5.76
C PHE B 33 -0.02 -16.13 -4.47
N ARG B 34 -0.59 -17.04 -3.68
CA ARG B 34 0.00 -17.38 -2.38
C ARG B 34 1.19 -18.34 -2.39
N GLN B 35 1.40 -19.01 -3.52
CA GLN B 35 2.50 -19.94 -3.64
C GLN B 35 3.03 -19.83 -5.05
N PRO B 36 4.30 -20.23 -5.27
CA PRO B 36 4.91 -20.19 -6.59
C PRO B 36 4.01 -20.83 -7.64
N VAL B 37 4.05 -20.32 -8.86
CA VAL B 37 3.25 -20.91 -9.92
C VAL B 37 3.94 -22.27 -10.19
N ASP B 38 3.16 -23.33 -10.13
CA ASP B 38 3.67 -24.68 -10.38
C ASP B 38 3.19 -24.98 -11.80
N ALA B 39 4.11 -24.84 -12.75
CA ALA B 39 3.80 -25.07 -14.16
C ALA B 39 3.22 -26.47 -14.47
N VAL B 40 3.77 -27.49 -13.82
CA VAL B 40 3.30 -28.85 -14.06
C VAL B 40 1.87 -29.04 -13.57
N LYS B 41 1.60 -28.57 -12.35
CA LYS B 41 0.27 -28.69 -11.80
C LYS B 41 -0.74 -27.86 -12.59
N LEU B 42 -0.34 -26.65 -13.00
CA LEU B 42 -1.29 -25.81 -13.71
C LEU B 42 -1.33 -26.01 -15.22
N GLY B 43 -0.58 -26.98 -15.74
CA GLY B 43 -0.60 -27.22 -17.17
C GLY B 43 -0.08 -26.04 -18.00
N LEU B 44 0.98 -25.40 -17.51
CA LEU B 44 1.58 -24.25 -18.19
C LEU B 44 3.02 -24.57 -18.58
N PRO B 45 3.22 -25.45 -19.57
CA PRO B 45 4.57 -25.85 -20.03
C PRO B 45 5.52 -24.72 -20.48
N ASP B 46 4.96 -23.62 -20.97
CA ASP B 46 5.81 -22.52 -21.42
C ASP B 46 6.01 -21.44 -20.38
N TYR B 47 5.51 -21.65 -19.17
CA TYR B 47 5.63 -20.59 -18.17
C TYR B 47 7.04 -20.10 -17.82
N HIS B 48 7.95 -21.01 -17.48
CA HIS B 48 9.30 -20.59 -17.13
C HIS B 48 10.13 -20.08 -18.31
N LYS B 49 9.60 -20.25 -19.53
CA LYS B 49 10.29 -19.75 -20.72
C LYS B 49 9.93 -18.27 -20.89
N ILE B 50 8.73 -17.88 -20.49
CA ILE B 50 8.28 -16.50 -20.60
C ILE B 50 8.60 -15.69 -19.34
N ILE B 51 8.39 -16.29 -18.17
CA ILE B 51 8.64 -15.58 -16.93
C ILE B 51 9.95 -16.04 -16.33
N LYS B 52 10.96 -15.20 -16.41
CA LYS B 52 12.29 -15.56 -15.91
C LYS B 52 12.47 -15.25 -14.42
N GLN B 53 11.54 -14.50 -13.88
CA GLN B 53 11.63 -14.14 -12.47
C GLN B 53 10.30 -14.35 -11.77
N PRO B 54 10.00 -15.61 -11.42
CA PRO B 54 8.75 -15.95 -10.74
C PRO B 54 8.73 -15.29 -9.37
N MSE B 55 7.55 -14.88 -8.92
CA MSE B 55 7.41 -14.22 -7.62
C MSE B 55 5.99 -14.48 -7.11
O MSE B 55 5.05 -14.58 -7.89
CB MSE B 55 7.69 -12.71 -7.71
CG MSE B 55 7.65 -11.98 -6.38
SE MSE B 55 8.77 -12.82 -5.02
CE MSE B 55 10.43 -12.86 -6.09
N ASP B 56 5.84 -14.57 -5.80
CA ASP B 56 4.54 -14.86 -5.22
C ASP B 56 4.53 -14.31 -3.81
N MSE B 57 3.32 -14.16 -3.28
CA MSE B 57 3.12 -13.62 -1.93
C MSE B 57 3.72 -14.49 -0.84
O MSE B 57 4.19 -13.97 0.18
CB MSE B 57 1.63 -13.41 -1.65
CG MSE B 57 1.02 -12.14 -2.24
SE MSE B 57 -0.89 -12.05 -1.74
CE MSE B 57 -1.46 -10.77 -3.08
N GLY B 58 3.69 -15.80 -1.02
CA GLY B 58 4.27 -16.68 -0.02
C GLY B 58 5.72 -16.26 0.17
N THR B 59 6.47 -16.23 -0.93
CA THR B 59 7.86 -15.82 -0.88
C THR B 59 8.01 -14.42 -0.30
N ILE B 60 7.19 -13.46 -0.73
CA ILE B 60 7.33 -12.09 -0.21
C ILE B 60 7.05 -12.08 1.31
N LYS B 61 6.02 -12.81 1.73
CA LYS B 61 5.64 -12.87 3.14
C LYS B 61 6.76 -13.44 3.99
N ARG B 62 7.33 -14.56 3.54
CA ARG B 62 8.41 -15.18 4.27
C ARG B 62 9.55 -14.16 4.36
N ARG B 63 9.83 -13.48 3.25
CA ARG B 63 10.89 -12.48 3.25
C ARG B 63 10.61 -11.37 4.26
N LEU B 64 9.36 -10.94 4.39
CA LEU B 64 9.02 -9.89 5.35
C LEU B 64 9.25 -10.34 6.79
N GLU B 65 8.79 -11.53 7.11
CA GLU B 65 8.93 -12.11 8.44
C GLU B 65 10.39 -12.33 8.80
N ASN B 66 11.21 -12.68 7.80
CA ASN B 66 12.64 -12.94 8.04
C ASN B 66 13.59 -11.77 7.81
N ASN B 67 13.07 -10.54 7.83
CA ASN B 67 13.92 -9.38 7.66
C ASN B 67 14.93 -9.54 6.51
N TYR B 68 14.46 -10.05 5.37
CA TYR B 68 15.29 -10.26 4.19
C TYR B 68 15.62 -8.97 3.42
N TYR B 69 14.66 -8.05 3.39
CA TYR B 69 14.82 -6.79 2.66
C TYR B 69 15.56 -5.69 3.43
N TRP B 70 16.31 -4.87 2.70
CA TRP B 70 17.04 -3.76 3.27
C TRP B 70 16.21 -2.49 3.08
N ALA B 71 15.47 -2.43 1.97
CA ALA B 71 14.62 -1.26 1.69
C ALA B 71 13.21 -1.70 1.31
N ALA B 72 12.26 -0.80 1.47
CA ALA B 72 10.86 -1.06 1.13
C ALA B 72 10.63 -1.19 -0.38
N SER B 73 11.39 -0.40 -1.15
CA SER B 73 11.27 -0.41 -2.60
C SER B 73 11.73 -1.77 -3.11
N GLU B 74 12.42 -2.50 -2.26
CA GLU B 74 12.88 -3.82 -2.65
C GLU B 74 11.66 -4.76 -2.57
N CYS B 75 10.92 -4.65 -1.46
CA CYS B 75 9.73 -5.45 -1.26
C CYS B 75 8.70 -5.05 -2.33
N MSE B 76 8.53 -3.74 -2.52
CA MSE B 76 7.58 -3.23 -3.49
C MSE B 76 7.81 -3.76 -4.91
O MSE B 76 6.85 -4.02 -5.66
CB MSE B 76 7.63 -1.71 -3.48
CG MSE B 76 6.83 -1.08 -2.35
SE MSE B 76 7.26 0.76 -2.06
CE MSE B 76 6.33 1.61 -3.49
N GLN B 77 9.08 -3.91 -5.27
CA GLN B 77 9.45 -4.37 -6.59
C GLN B 77 9.00 -5.83 -6.75
N ASP B 78 9.14 -6.62 -5.70
CA ASP B 78 8.68 -8.01 -5.74
C ASP B 78 7.16 -8.07 -5.99
N PHE B 79 6.39 -7.25 -5.26
CA PHE B 79 4.95 -7.18 -5.48
C PHE B 79 4.71 -6.84 -6.96
N ASN B 80 5.45 -5.84 -7.46
CA ASN B 80 5.26 -5.41 -8.85
C ASN B 80 5.55 -6.56 -9.82
N THR B 81 6.72 -7.18 -9.71
CA THR B 81 7.08 -8.32 -10.56
C THR B 81 6.02 -9.41 -10.55
N MSE B 82 5.52 -9.73 -9.35
CA MSE B 82 4.48 -10.74 -9.23
C MSE B 82 3.27 -10.38 -10.11
O MSE B 82 2.77 -11.23 -10.82
CB MSE B 82 4.03 -10.86 -7.77
CG MSE B 82 2.81 -11.79 -7.57
SE MSE B 82 2.29 -11.92 -5.71
CE MSE B 82 1.48 -10.18 -5.55
N PHE B 83 2.83 -9.11 -10.05
CA PHE B 83 1.68 -8.67 -10.83
C PHE B 83 2.00 -8.60 -12.34
N THR B 84 3.15 -8.03 -12.68
CA THR B 84 3.53 -7.90 -14.07
C THR B 84 3.67 -9.27 -14.70
N ASN B 85 4.26 -10.23 -13.99
CA ASN B 85 4.39 -11.60 -14.52
C ASN B 85 3.03 -12.09 -15.02
N CYS B 86 2.03 -11.88 -14.19
CA CYS B 86 0.69 -12.31 -14.48
C CYS B 86 0.14 -11.62 -15.71
N TYR B 87 0.37 -10.32 -15.85
CA TYR B 87 -0.14 -9.61 -17.02
C TYR B 87 0.63 -10.01 -18.29
N ILE B 88 1.93 -10.28 -18.14
CA ILE B 88 2.78 -10.66 -19.26
C ILE B 88 2.40 -12.06 -19.78
N TYR B 89 2.38 -13.05 -18.89
CA TYR B 89 2.10 -14.40 -19.33
C TYR B 89 0.67 -14.76 -19.73
N ASN B 90 -0.30 -14.29 -18.96
CA ASN B 90 -1.71 -14.64 -19.21
C ASN B 90 -2.42 -13.87 -20.30
N LYS B 91 -3.44 -14.51 -20.89
CA LYS B 91 -4.24 -13.86 -21.92
C LYS B 91 -5.01 -12.75 -21.23
N PRO B 92 -5.25 -11.63 -21.94
CA PRO B 92 -5.98 -10.45 -21.43
C PRO B 92 -7.37 -10.76 -20.85
N THR B 93 -7.99 -11.84 -21.33
CA THR B 93 -9.34 -12.17 -20.87
C THR B 93 -9.43 -13.16 -19.70
N ASP B 94 -8.30 -13.70 -19.27
CA ASP B 94 -8.33 -14.67 -18.17
C ASP B 94 -8.77 -13.99 -16.87
N ASP B 95 -9.57 -14.70 -16.07
CA ASP B 95 -10.00 -14.14 -14.79
C ASP B 95 -8.80 -13.72 -13.91
N ILE B 96 -7.70 -14.47 -13.97
CA ILE B 96 -6.49 -14.16 -13.18
C ILE B 96 -5.99 -12.72 -13.40
N VAL B 97 -6.07 -12.23 -14.63
CA VAL B 97 -5.65 -10.86 -14.93
C VAL B 97 -6.56 -9.91 -14.11
N LEU B 98 -7.86 -10.13 -14.13
CA LEU B 98 -8.81 -9.30 -13.37
C LEU B 98 -8.49 -9.36 -11.86
N MSE B 99 -8.17 -10.55 -11.38
CA MSE B 99 -7.84 -10.73 -9.97
C MSE B 99 -6.55 -9.97 -9.60
O MSE B 99 -6.50 -9.30 -8.59
CB MSE B 99 -7.71 -12.23 -9.69
CG MSE B 99 -9.06 -13.00 -9.89
SE MSE B 99 -8.87 -14.91 -9.92
CE MSE B 99 -8.68 -15.06 -8.09
N ALA B 100 -5.51 -10.11 -10.42
CA ALA B 100 -4.25 -9.39 -10.17
C ALA B 100 -4.50 -7.87 -10.23
N GLN B 101 -5.28 -7.42 -11.20
CA GLN B 101 -5.59 -5.99 -11.30
C GLN B 101 -6.26 -5.48 -10.01
N THR B 102 -7.16 -6.26 -9.45
CA THR B 102 -7.85 -5.84 -8.22
C THR B 102 -6.92 -5.84 -7.00
N LEU B 103 -6.00 -6.80 -6.92
CA LEU B 103 -5.09 -6.87 -5.79
C LEU B 103 -4.05 -5.75 -5.90
N GLU B 104 -3.67 -5.43 -7.14
CA GLU B 104 -2.66 -4.41 -7.38
C GLU B 104 -3.18 -3.02 -7.05
N LYS B 105 -4.46 -2.79 -7.25
CA LYS B 105 -5.02 -1.48 -6.92
C LYS B 105 -4.97 -1.29 -5.40
N ILE B 106 -5.29 -2.35 -4.67
CA ILE B 106 -5.25 -2.27 -3.21
C ILE B 106 -3.82 -2.03 -2.82
N PHE B 107 -2.88 -2.72 -3.45
CA PHE B 107 -1.48 -2.55 -3.17
C PHE B 107 -1.08 -1.06 -3.32
N LEU B 108 -1.43 -0.47 -4.45
CA LEU B 108 -1.10 0.93 -4.68
C LEU B 108 -1.81 1.89 -3.74
N GLN B 109 -3.08 1.61 -3.45
CA GLN B 109 -3.83 2.45 -2.54
C GLN B 109 -3.16 2.48 -1.17
N LYS B 110 -2.76 1.31 -0.66
CA LYS B 110 -2.10 1.24 0.64
C LYS B 110 -0.75 1.88 0.61
N VAL B 111 -0.02 1.63 -0.46
CA VAL B 111 1.29 2.21 -0.57
C VAL B 111 1.23 3.74 -0.55
N ALA B 112 0.15 4.33 -1.06
CA ALA B 112 0.06 5.79 -1.07
C ALA B 112 0.06 6.40 0.35
N SER B 113 -0.09 5.56 1.36
CA SER B 113 -0.12 6.03 2.74
C SER B 113 1.04 5.51 3.56
N MSE B 114 2.01 4.90 2.91
CA MSE B 114 3.16 4.38 3.61
C MSE B 114 4.05 5.55 4.04
O MSE B 114 4.18 6.53 3.31
CB MSE B 114 3.91 3.45 2.67
CG MSE B 114 5.27 3.00 3.16
SE MSE B 114 6.05 1.89 1.77
CE MSE B 114 5.68 2.99 0.20
N PRO B 115 4.66 5.47 5.22
CA PRO B 115 5.51 6.59 5.64
C PRO B 115 6.78 6.72 4.80
N GLN B 116 7.47 7.85 4.92
CA GLN B 116 8.73 8.04 4.20
C GLN B 116 9.76 7.31 5.06
N GLU B 117 10.98 7.12 4.56
CA GLU B 117 11.99 6.42 5.36
C GLU B 117 12.44 7.28 6.52
N GLU B 118 13.28 6.68 7.37
CA GLU B 118 13.86 7.33 8.54
C GLU B 118 12.82 8.04 9.42
N THR C 10 -23.33 0.53 28.83
CA THR C 10 -23.99 1.87 28.82
C THR C 10 -24.01 2.48 27.44
N ASN C 11 -24.71 3.61 27.33
CA ASN C 11 -24.76 4.33 26.07
C ASN C 11 -23.32 4.84 25.87
N GLN C 12 -22.58 4.94 26.96
CA GLN C 12 -21.18 5.41 26.91
C GLN C 12 -20.21 4.42 26.25
N LEU C 13 -20.21 3.18 26.71
CA LEU C 13 -19.35 2.18 26.12
C LEU C 13 -19.75 1.97 24.67
N GLN C 14 -21.05 2.02 24.39
CA GLN C 14 -21.53 1.85 23.02
C GLN C 14 -20.92 2.97 22.16
N TYR C 15 -20.92 4.17 22.72
CA TYR C 15 -20.34 5.33 22.02
C TYR C 15 -18.84 5.10 21.87
N LEU C 16 -18.15 4.65 22.92
CA LEU C 16 -16.71 4.40 22.81
C LEU C 16 -16.40 3.38 21.69
N HIS C 17 -17.31 2.42 21.53
CA HIS C 17 -17.20 1.37 20.51
C HIS C 17 -17.62 1.87 19.12
N LYS C 18 -18.88 2.23 18.98
CA LYS C 18 -19.46 2.70 17.73
C LYS C 18 -18.92 3.99 17.15
N VAL C 19 -18.47 4.91 18.01
CA VAL C 19 -17.96 6.16 17.47
C VAL C 19 -16.46 6.34 17.65
N VAL C 20 -15.99 6.28 18.88
CA VAL C 20 -14.58 6.48 19.15
C VAL C 20 -13.68 5.47 18.45
N MSE C 21 -13.85 4.18 18.76
CA MSE C 21 -13.02 3.16 18.13
C MSE C 21 -13.29 3.08 16.63
O MSE C 21 -12.39 2.82 15.84
CB MSE C 21 -13.26 1.80 18.79
CG MSE C 21 -12.37 0.69 18.24
SE MSE C 21 -10.47 1.11 18.32
CE MSE C 21 -10.19 0.53 20.13
N LYS C 22 -14.55 3.30 16.24
CA LYS C 22 -14.89 3.27 14.81
C LYS C 22 -13.96 4.22 14.07
N ALA C 23 -13.79 5.42 14.63
CA ALA C 23 -12.95 6.43 14.02
C ALA C 23 -11.45 6.19 14.16
N LEU C 24 -11.03 5.77 15.35
CA LEU C 24 -9.60 5.57 15.54
C LEU C 24 -9.06 4.33 14.84
N TRP C 25 -9.90 3.31 14.72
CA TRP C 25 -9.44 2.08 14.12
C TRP C 25 -9.13 2.21 12.64
N LYS C 26 -9.87 3.05 11.93
CA LYS C 26 -9.63 3.20 10.48
C LYS C 26 -8.71 4.35 10.07
N HIS C 27 -8.30 5.17 11.03
CA HIS C 27 -7.41 6.29 10.74
C HIS C 27 -6.11 5.76 10.14
N GLN C 28 -5.49 6.51 9.25
CA GLN C 28 -4.24 6.04 8.63
C GLN C 28 -3.06 5.91 9.59
N PHE C 29 -3.18 6.48 10.78
CA PHE C 29 -2.11 6.41 11.76
C PHE C 29 -2.28 5.29 12.78
N ALA C 30 -3.38 4.55 12.70
CA ALA C 30 -3.63 3.48 13.64
C ALA C 30 -2.85 2.18 13.46
N TRP C 31 -2.25 1.97 12.29
CA TRP C 31 -1.58 0.70 12.02
C TRP C 31 -0.53 0.24 13.02
N PRO C 32 0.25 1.17 13.60
CA PRO C 32 1.25 0.70 14.56
C PRO C 32 0.56 0.25 15.85
N PHE C 33 -0.72 0.61 15.98
CA PHE C 33 -1.48 0.30 17.19
C PHE C 33 -2.49 -0.82 17.16
N ARG C 34 -2.79 -1.35 15.96
CA ARG C 34 -3.80 -2.40 15.83
C ARG C 34 -3.49 -3.71 16.52
N GLN C 35 -2.21 -4.00 16.70
CA GLN C 35 -1.82 -5.26 17.32
C GLN C 35 -0.81 -4.97 18.42
N PRO C 36 -0.71 -5.87 19.42
CA PRO C 36 0.24 -5.71 20.53
C PRO C 36 1.63 -5.54 19.95
N VAL C 37 2.47 -4.74 20.61
CA VAL C 37 3.84 -4.57 20.14
C VAL C 37 4.55 -5.92 20.33
N ASP C 38 5.25 -6.39 19.31
CA ASP C 38 5.95 -7.67 19.46
C ASP C 38 7.45 -7.37 19.60
N ALA C 39 7.94 -7.35 20.84
CA ALA C 39 9.35 -7.07 21.13
C ALA C 39 10.32 -7.99 20.38
N VAL C 40 9.90 -9.21 20.09
CA VAL C 40 10.76 -10.15 19.39
C VAL C 40 10.85 -9.82 17.91
N LYS C 41 9.71 -9.78 17.22
CA LYS C 41 9.71 -9.46 15.80
C LYS C 41 10.33 -8.08 15.52
N LEU C 42 9.84 -7.06 16.24
CA LEU C 42 10.33 -5.70 16.06
C LEU C 42 11.75 -5.55 16.63
N GLY C 43 12.21 -6.60 17.28
CA GLY C 43 13.55 -6.59 17.85
C GLY C 43 13.77 -5.52 18.91
N LEU C 44 12.80 -5.37 19.82
CA LEU C 44 12.88 -4.40 20.92
C LEU C 44 13.03 -5.15 22.23
N PRO C 45 14.19 -5.79 22.45
CA PRO C 45 14.43 -6.56 23.68
C PRO C 45 14.24 -5.86 25.03
N ASP C 46 14.22 -4.53 25.04
CA ASP C 46 14.06 -3.80 26.30
C ASP C 46 12.63 -3.32 26.50
N TYR C 47 11.78 -3.58 25.53
CA TYR C 47 10.40 -3.12 25.61
C TYR C 47 9.66 -3.43 26.92
N HIS C 48 9.52 -4.72 27.21
CA HIS C 48 8.79 -5.16 28.40
C HIS C 48 9.46 -4.84 29.71
N LYS C 49 10.70 -4.37 29.64
CA LYS C 49 11.42 -3.99 30.85
C LYS C 49 11.06 -2.53 31.18
N ILE C 50 10.73 -1.78 30.14
CA ILE C 50 10.41 -0.37 30.32
C ILE C 50 8.92 -0.11 30.49
N ILE C 51 8.13 -0.76 29.66
CA ILE C 51 6.68 -0.64 29.70
C ILE C 51 6.10 -1.85 30.41
N LYS C 52 5.49 -1.62 31.57
CA LYS C 52 4.92 -2.69 32.39
C LYS C 52 3.52 -3.13 32.02
N GLN C 53 2.73 -2.27 31.39
CA GLN C 53 1.36 -2.64 31.00
C GLN C 53 1.10 -2.38 29.52
N PRO C 54 1.51 -3.31 28.66
CA PRO C 54 1.28 -3.14 27.23
C PRO C 54 -0.21 -3.02 26.92
N MSE C 55 -0.55 -2.27 25.88
CA MSE C 55 -1.95 -2.12 25.48
C MSE C 55 -1.98 -1.76 24.01
O MSE C 55 -1.05 -1.15 23.48
CB MSE C 55 -2.64 -1.03 26.35
CG MSE C 55 -4.15 -0.90 26.14
SE MSE C 55 -5.15 -2.59 26.19
CE MSE C 55 -4.48 -3.27 27.87
N ASP C 56 -3.04 -2.14 23.32
CA ASP C 56 -3.11 -1.85 21.90
C ASP C 56 -4.59 -1.72 21.51
N MSE C 57 -4.86 -1.17 20.32
CA MSE C 57 -6.27 -1.04 19.89
C MSE C 57 -6.92 -2.41 19.65
O MSE C 57 -8.11 -2.56 19.90
CB MSE C 57 -6.39 -0.22 18.61
CG MSE C 57 -6.24 1.27 18.80
SE MSE C 57 -6.61 2.18 17.14
CE MSE C 57 -5.23 3.51 17.17
N GLY C 58 -6.15 -3.37 19.17
CA GLY C 58 -6.70 -4.69 18.92
C GLY C 58 -7.36 -5.27 20.18
N THR C 59 -6.68 -5.10 21.30
CA THR C 59 -7.21 -5.58 22.55
C THR C 59 -8.43 -4.73 22.99
N ILE C 60 -8.35 -3.39 22.86
CA ILE C 60 -9.48 -2.55 23.26
C ILE C 60 -10.75 -2.89 22.51
N LYS C 61 -10.62 -3.04 21.19
CA LYS C 61 -11.74 -3.35 20.30
C LYS C 61 -12.36 -4.69 20.66
N ARG C 62 -11.52 -5.69 20.84
CA ARG C 62 -11.98 -7.01 21.19
C ARG C 62 -12.73 -6.91 22.52
N ARG C 63 -12.24 -6.07 23.43
CA ARG C 63 -12.91 -5.92 24.72
C ARG C 63 -14.26 -5.22 24.58
N LEU C 64 -14.37 -4.31 23.63
CA LEU C 64 -15.64 -3.64 23.44
C LEU C 64 -16.65 -4.63 22.82
N GLU C 65 -16.20 -5.42 21.86
CA GLU C 65 -17.07 -6.38 21.20
C GLU C 65 -17.58 -7.45 22.16
N ASN C 66 -16.83 -7.73 23.22
CA ASN C 66 -17.23 -8.74 24.15
C ASN C 66 -17.75 -8.29 25.51
N ASN C 67 -18.02 -6.99 25.62
CA ASN C 67 -18.53 -6.41 26.87
C ASN C 67 -17.63 -6.64 28.07
N TYR C 68 -16.34 -6.70 27.84
CA TYR C 68 -15.39 -6.88 28.92
C TYR C 68 -15.45 -5.70 29.90
N TYR C 69 -15.54 -4.48 29.37
CA TYR C 69 -15.49 -3.29 30.23
C TYR C 69 -16.60 -3.09 31.25
N TRP C 70 -16.20 -2.91 32.52
CA TRP C 70 -17.13 -2.72 33.62
C TRP C 70 -17.74 -1.32 33.50
N ALA C 71 -16.91 -0.33 33.13
CA ALA C 71 -17.36 1.06 32.99
C ALA C 71 -16.52 1.77 31.92
N ALA C 72 -17.05 2.88 31.37
CA ALA C 72 -16.34 3.64 30.32
C ALA C 72 -14.95 4.11 30.71
N SER C 73 -14.80 4.59 31.94
CA SER C 73 -13.53 5.08 32.45
C SER C 73 -12.44 4.04 32.23
N GLU C 74 -12.83 2.77 32.33
CA GLU C 74 -11.92 1.64 32.14
C GLU C 74 -11.40 1.57 30.70
N CYS C 75 -12.30 1.73 29.74
CA CYS C 75 -11.88 1.72 28.35
C CYS C 75 -10.99 2.95 28.07
N MSE C 76 -11.40 4.12 28.57
CA MSE C 76 -10.64 5.35 28.34
C MSE C 76 -9.22 5.21 28.88
O MSE C 76 -8.22 5.62 28.26
CB MSE C 76 -11.34 6.53 29.00
CG MSE C 76 -12.60 6.95 28.29
SE MSE C 76 -13.81 7.91 29.45
CE MSE C 76 -12.68 9.41 29.86
N GLN C 77 -9.14 4.57 30.03
CA GLN C 77 -7.87 4.31 30.69
C GLN C 77 -7.02 3.41 29.80
N ASP C 78 -7.63 2.45 29.11
CA ASP C 78 -6.81 1.61 28.24
C ASP C 78 -6.24 2.40 27.06
N PHE C 79 -7.06 3.23 26.41
CA PHE C 79 -6.55 4.07 25.31
C PHE C 79 -5.41 4.93 25.86
N ASN C 80 -5.64 5.48 27.04
CA ASN C 80 -4.66 6.35 27.67
C ASN C 80 -3.32 5.67 27.83
N THR C 81 -3.35 4.51 28.45
CA THR C 81 -2.14 3.74 28.68
C THR C 81 -1.42 3.42 27.37
N MSE C 82 -2.19 3.05 26.35
CA MSE C 82 -1.62 2.72 25.06
C MSE C 82 -0.78 3.89 24.56
O MSE C 82 0.40 3.73 24.20
CB MSE C 82 -2.75 2.44 24.06
CG MSE C 82 -2.26 2.27 22.61
SE MSE C 82 -3.69 1.85 21.38
CE MSE C 82 -4.50 3.61 21.21
N PHE C 83 -1.38 5.08 24.54
CA PHE C 83 -0.68 6.26 24.09
C PHE C 83 0.56 6.57 24.92
N THR C 84 0.38 6.55 26.23
CA THR C 84 1.49 6.85 27.15
C THR C 84 2.67 5.93 26.93
N ASN C 85 2.40 4.64 26.79
CA ASN C 85 3.49 3.69 26.58
C ASN C 85 4.29 4.12 25.36
N CYS C 86 3.59 4.51 24.30
CA CYS C 86 4.25 4.94 23.08
C CYS C 86 5.14 6.17 23.39
N TYR C 87 4.58 7.14 24.10
CA TYR C 87 5.34 8.33 24.45
C TYR C 87 6.56 8.05 25.33
N ILE C 88 6.40 7.14 26.30
CA ILE C 88 7.48 6.82 27.21
C ILE C 88 8.62 6.01 26.62
N TYR C 89 8.28 5.02 25.79
CA TYR C 89 9.29 4.16 25.21
C TYR C 89 10.05 4.72 24.01
N ASN C 90 9.33 5.32 23.09
CA ASN C 90 9.93 5.84 21.87
C ASN C 90 10.68 7.16 21.97
N LYS C 91 11.53 7.42 20.97
CA LYS C 91 12.34 8.64 20.90
C LYS C 91 11.39 9.79 20.63
N PRO C 92 11.64 10.98 21.20
CA PRO C 92 10.75 12.12 20.96
C PRO C 92 10.51 12.39 19.48
N THR C 93 11.50 12.11 18.64
CA THR C 93 11.40 12.38 17.22
C THR C 93 10.83 11.30 16.28
N ASP C 94 10.58 10.09 16.76
CA ASP C 94 10.03 9.04 15.88
C ASP C 94 8.63 9.45 15.46
N ASP C 95 8.26 9.16 14.22
CA ASP C 95 6.93 9.53 13.73
C ASP C 95 5.83 8.87 14.53
N ILE C 96 6.11 7.69 15.07
CA ILE C 96 5.13 6.95 15.86
C ILE C 96 4.56 7.91 16.92
N VAL C 97 5.43 8.70 17.54
CA VAL C 97 5.04 9.66 18.56
C VAL C 97 4.02 10.67 18.03
N LEU C 98 4.38 11.33 16.93
CA LEU C 98 3.51 12.32 16.31
C LEU C 98 2.18 11.67 15.93
N MSE C 99 2.24 10.47 15.38
CA MSE C 99 1.05 9.72 15.00
C MSE C 99 0.16 9.53 16.23
O MSE C 99 -1.06 9.67 16.14
CB MSE C 99 1.42 8.35 14.44
CG MSE C 99 1.81 8.30 12.97
SE MSE C 99 2.42 6.51 12.45
CE MSE C 99 4.27 6.81 12.70
N ALA C 100 0.77 9.16 17.35
CA ALA C 100 0.03 8.94 18.60
C ALA C 100 -0.63 10.25 19.09
N GLN C 101 0.13 11.36 19.08
CA GLN C 101 -0.41 12.66 19.52
C GLN C 101 -1.62 12.97 18.66
N THR C 102 -1.50 12.73 17.35
CA THR C 102 -2.62 12.98 16.44
C THR C 102 -3.82 12.12 16.85
N LEU C 103 -3.60 10.82 17.02
CA LEU C 103 -4.66 9.88 17.43
C LEU C 103 -5.26 10.24 18.77
N GLU C 104 -4.41 10.62 19.72
CA GLU C 104 -4.89 10.97 21.05
C GLU C 104 -5.78 12.18 21.06
N LYS C 105 -5.47 13.19 20.25
CA LYS C 105 -6.32 14.39 20.21
C LYS C 105 -7.72 14.06 19.70
N ILE C 106 -7.80 13.13 18.75
CA ILE C 106 -9.11 12.75 18.25
C ILE C 106 -9.84 12.00 19.38
N PHE C 107 -9.10 11.13 20.07
CA PHE C 107 -9.66 10.38 21.19
C PHE C 107 -10.28 11.32 22.22
N LEU C 108 -9.49 12.28 22.69
CA LEU C 108 -10.03 13.21 23.67
C LEU C 108 -11.16 14.04 23.12
N GLN C 109 -11.03 14.49 21.89
CA GLN C 109 -12.08 15.30 21.29
C GLN C 109 -13.38 14.50 21.25
N LYS C 110 -13.32 13.25 20.84
CA LYS C 110 -14.53 12.45 20.79
C LYS C 110 -15.06 12.19 22.17
N VAL C 111 -14.16 12.07 23.14
CA VAL C 111 -14.59 11.82 24.51
C VAL C 111 -15.35 12.98 25.15
N ALA C 112 -15.13 14.19 24.65
CA ALA C 112 -15.82 15.34 25.21
C ALA C 112 -17.31 15.33 24.80
N SER C 113 -17.64 14.65 23.71
CA SER C 113 -19.02 14.58 23.23
C SER C 113 -19.73 13.30 23.64
N MSE C 114 -19.10 12.52 24.50
CA MSE C 114 -19.67 11.27 24.98
C MSE C 114 -21.04 11.57 25.60
O MSE C 114 -21.28 12.67 26.08
CB MSE C 114 -18.71 10.65 26.01
CG MSE C 114 -19.03 9.24 26.44
SE MSE C 114 -17.41 8.40 27.11
CE MSE C 114 -16.97 9.71 28.48
N PRO C 115 -21.96 10.60 25.58
CA PRO C 115 -23.31 10.72 26.14
C PRO C 115 -23.45 11.01 27.63
N GLN C 116 -22.73 10.27 28.47
CA GLN C 116 -22.82 10.46 29.92
C GLN C 116 -24.21 10.08 30.43
CAA BYH D . 5.52 -1.45 -30.99
SAB BYH D . 3.73 1.11 -31.57
CAC BYH D . 1.78 -0.10 -25.35
CAD BYH D . 1.86 -0.77 -26.62
CAE BYH D . 9.46 0.01 -29.15
CAF BYH D . 9.52 1.44 -29.02
CAG BYH D . 2.17 1.27 -25.22
CAH BYH D . 2.34 -0.09 -27.76
CAI BYH D . 8.32 -0.62 -29.70
CAJ BYH D . 8.41 2.24 -29.43
CAK BYH D . 4.40 4.24 -30.34
CAL BYH D . 5.83 3.67 -30.46
NAM BYH D . 3.08 3.20 -26.58
NAN BYH D . 3.21 2.13 -28.51
SAO BYH D . 4.06 4.73 -28.61
CAP BYH D . 3.41 3.28 -27.88
CAQ BYH D . 5.34 1.09 -30.86
CAR BYH D . 2.65 1.95 -26.38
CAS BYH D . 2.73 1.27 -27.63
CAT BYH D . 7.20 0.21 -30.13
CAU BYH D . 7.25 1.65 -29.98
NAV BYH D . 6.02 -0.06 -30.66
NAW BYH D . 6.10 2.16 -30.45
O1 MES E . 13.03 7.66 -32.19
C2 MES E . 11.65 8.04 -31.98
C3 MES E . 11.41 8.99 -30.86
N4 MES E . 12.76 9.21 -30.10
C5 MES E . 13.81 9.65 -31.10
C6 MES E . 13.94 8.72 -32.30
C7 MES E . 12.49 10.39 -29.10
C8 MES E . 13.76 10.74 -28.27
S MES E . 13.38 12.13 -27.10
O1S MES E . 12.97 13.12 -28.11
O2S MES E . 14.78 12.32 -26.41
O3S MES E . 12.67 11.38 -26.23
#